data_8VBQ
#
_entry.id   8VBQ
#
_cell.length_a   83.002
_cell.length_b   69.784
_cell.length_c   87.521
_cell.angle_alpha   90.000
_cell.angle_beta   103.517
_cell.angle_gamma   90.000
#
_symmetry.space_group_name_H-M   'C 1 2 1'
#
loop_
_entity.id
_entity.type
_entity.pdbx_description
1 polymer 'Bovine Fab Bess7 heavy chain'
2 polymer 'Bovine Fab Bess7 light chain'
3 water water
#
loop_
_entity_poly.entity_id
_entity_poly.type
_entity_poly.pdbx_seq_one_letter_code
_entity_poly.pdbx_strand_id
1 'polypeptide(L)'
;QVQLRESGPSLVKPSQTLSLTCTVSGFSLNDKAVGWVRQAPGRALEWLGSVSTGGSTTYNPGLKPRLSITKDNSKSQISL
TVTSVTTEDSATYYCTTVHQTTKTTKECPEGYNWDDGCGSELGCGGADCCCWGGVDEYAGDLYSCCSVAHTYEWYVDAWG
QGLLVTVSSASTKGPSVFPLAPSSKSTSGGTAALGCLVKDYFPEPVTVSWNSGALTSGVHTFPAVLQSSGLYSLSSVVTV
PSSSLGTQTYICNVNHKPSNTKVDKKVEPKSC
;
H
2 'polypeptide(L)'
;QAVLNQPSSVSGSLGQRVSITCSGSSSNVGNGYVSWYQLIPGSAPRTLIYGDTSRASGVPDRFSGSRSGNTATLTISSLQ
AEDEADYFCASAEDSSSNAVFGSGTTLTVLGQPKAAPSVTLFPPSSEELQANKATLVCLISDFYPGAVTVAWKADSSPVK
AGVETTTPSKQSNNKYAASSYLSLTPEQWKSHRSYSCQVTHEGSTVEKTVAPTECS
;
L
#
# COMPACT_ATOMS: atom_id res chain seq x y z
N VAL A 2 -17.62 6.76 4.96
CA VAL A 2 -17.96 6.60 3.55
C VAL A 2 -17.21 5.39 2.98
N GLN A 3 -17.86 4.67 2.08
CA GLN A 3 -17.28 3.50 1.42
C GLN A 3 -16.93 3.86 -0.01
N LEU A 4 -15.71 3.54 -0.42
CA LEU A 4 -15.22 3.81 -1.78
C LEU A 4 -14.76 2.48 -2.38
N ARG A 5 -15.53 1.96 -3.32
CA ARG A 5 -15.27 0.66 -3.93
C ARG A 5 -14.80 0.86 -5.37
N GLU A 6 -13.61 0.36 -5.67
CA GLU A 6 -13.09 0.40 -7.04
C GLU A 6 -13.55 -0.83 -7.80
N SER A 7 -13.87 -0.64 -9.08
CA SER A 7 -14.23 -1.73 -9.96
C SER A 7 -13.57 -1.52 -11.32
N GLY A 8 -13.30 -2.62 -12.01
CA GLY A 8 -12.67 -2.56 -13.30
C GLY A 8 -11.78 -3.76 -13.55
N PRO A 9 -11.08 -3.75 -14.69
CA PRO A 9 -10.20 -4.87 -15.02
C PRO A 9 -8.91 -4.83 -14.21
N SER A 10 -8.52 -6.01 -13.70
CA SER A 10 -7.21 -6.16 -13.09
C SER A 10 -6.09 -6.24 -14.12
N LEU A 11 -6.44 -6.33 -15.40
CA LEU A 11 -5.48 -6.63 -16.46
C LEU A 11 -5.85 -5.80 -17.69
N VAL A 12 -4.87 -5.12 -18.26
CA VAL A 12 -5.05 -4.36 -19.49
C VAL A 12 -3.87 -4.63 -20.40
N LYS A 13 -4.15 -4.84 -21.68
CA LYS A 13 -3.07 -5.17 -22.59
C LYS A 13 -2.26 -3.92 -22.93
N PRO A 14 -1.00 -4.07 -23.29
CA PRO A 14 -0.13 -2.91 -23.48
C PRO A 14 -0.66 -1.96 -24.55
N SER A 15 -0.46 -0.66 -24.32
CA SER A 15 -0.79 0.39 -25.27
C SER A 15 -2.28 0.51 -25.55
N GLN A 16 -3.11 -0.04 -24.66
CA GLN A 16 -4.56 0.11 -24.76
C GLN A 16 -5.03 1.00 -23.60
N THR A 17 -6.35 1.07 -23.43
CA THR A 17 -6.97 2.01 -22.49
C THR A 17 -7.38 1.28 -21.22
N LEU A 18 -7.07 1.89 -20.08
CA LEU A 18 -7.46 1.38 -18.77
C LEU A 18 -8.65 2.18 -18.26
N SER A 19 -9.79 1.50 -18.09
CA SER A 19 -11.01 2.11 -17.61
C SER A 19 -11.31 1.59 -16.21
N LEU A 20 -11.43 2.51 -15.25
CA LEU A 20 -11.78 2.16 -13.88
C LEU A 20 -13.01 2.96 -13.45
N THR A 21 -13.81 2.35 -12.59
CA THR A 21 -15.00 2.97 -12.03
C THR A 21 -14.93 2.93 -10.51
N CYS A 22 -15.47 3.97 -9.88
CA CYS A 22 -15.56 4.04 -8.42
C CYS A 22 -17.00 4.29 -8.03
N THR A 23 -17.52 3.45 -7.14
CA THR A 23 -18.89 3.56 -6.65
C THR A 23 -18.84 4.07 -5.22
N VAL A 24 -19.35 5.27 -5.00
CA VAL A 24 -19.36 5.90 -3.68
C VAL A 24 -20.68 5.56 -2.99
N SER A 25 -20.61 5.18 -1.72
CA SER A 25 -21.78 4.77 -0.95
C SER A 25 -21.79 5.53 0.37
N GLY A 26 -22.71 6.48 0.50
CA GLY A 26 -22.86 7.24 1.73
C GLY A 26 -22.39 8.67 1.59
N PHE A 27 -22.71 9.29 0.45
CA PHE A 27 -22.33 10.67 0.14
C PHE A 27 -22.98 11.04 -1.20
N SER A 28 -23.29 12.31 -1.41
CA SER A 28 -23.63 12.75 -2.75
C SER A 28 -22.36 12.95 -3.56
N LEU A 29 -22.47 12.68 -4.86
CA LEU A 29 -21.34 12.83 -5.75
C LEU A 29 -21.19 14.24 -6.30
N ASN A 30 -22.14 15.14 -6.03
CA ASN A 30 -22.21 16.43 -6.69
C ASN A 30 -21.57 17.56 -5.91
N ASP A 31 -21.11 17.32 -4.68
CA ASP A 31 -20.26 18.26 -3.96
C ASP A 31 -18.86 17.67 -3.74
N LYS A 32 -18.75 16.66 -2.90
CA LYS A 32 -17.46 16.19 -2.47
C LYS A 32 -16.62 15.78 -3.67
N ALA A 33 -15.36 16.21 -3.68
CA ALA A 33 -14.46 15.90 -4.77
C ALA A 33 -14.00 14.44 -4.66
N VAL A 34 -14.08 13.72 -5.76
CA VAL A 34 -13.60 12.34 -5.84
C VAL A 34 -12.39 12.33 -6.77
N GLY A 35 -11.26 11.85 -6.25
CA GLY A 35 -10.02 11.84 -6.99
C GLY A 35 -9.46 10.43 -7.14
N TRP A 36 -8.40 10.32 -7.94
CA TRP A 36 -7.71 9.06 -8.16
C TRP A 36 -6.24 9.25 -7.78
N VAL A 37 -5.73 8.34 -6.97
CA VAL A 37 -4.31 8.28 -6.63
C VAL A 37 -3.84 6.86 -6.90
N ARG A 38 -2.62 6.73 -7.40
CA ARG A 38 -2.04 5.42 -7.69
C ARG A 38 -0.67 5.32 -7.07
N GLN A 39 -0.16 4.09 -7.03
CA GLN A 39 1.21 3.84 -6.59
C GLN A 39 1.73 2.64 -7.36
N ALA A 40 2.72 2.86 -8.22
CA ALA A 40 3.39 1.77 -8.89
C ALA A 40 4.31 1.05 -7.90
N PRO A 41 4.65 -0.20 -8.16
CA PRO A 41 5.56 -0.92 -7.26
C PRO A 41 6.86 -0.17 -7.09
N GLY A 42 7.27 0.02 -5.84
CA GLY A 42 8.54 0.67 -5.54
C GLY A 42 8.57 2.16 -5.81
N ARG A 43 7.42 2.80 -6.03
CA ARG A 43 7.37 4.21 -6.34
C ARG A 43 6.43 4.92 -5.37
N ALA A 44 6.50 6.25 -5.37
CA ALA A 44 5.71 7.04 -4.45
C ALA A 44 4.29 7.24 -4.97
N LEU A 45 3.41 7.63 -4.06
CA LEU A 45 2.05 8.00 -4.45
C LEU A 45 2.10 9.06 -5.55
N GLU A 46 1.24 8.88 -6.56
CA GLU A 46 1.20 9.78 -7.70
C GLU A 46 -0.22 10.27 -7.90
N TRP A 47 -0.41 11.59 -7.80
CA TRP A 47 -1.71 12.20 -8.05
C TRP A 47 -2.07 12.09 -9.51
N LEU A 48 -3.34 11.79 -9.78
CA LEU A 48 -3.85 11.65 -11.14
C LEU A 48 -4.85 12.74 -11.49
N GLY A 49 -5.95 12.84 -10.75
CA GLY A 49 -6.93 13.88 -11.01
C GLY A 49 -8.13 13.71 -10.10
N SER A 50 -9.07 14.64 -10.26
CA SER A 50 -10.30 14.63 -9.49
C SER A 50 -11.36 15.43 -10.24
N VAL A 51 -12.62 15.19 -9.86
CA VAL A 51 -13.76 15.89 -10.41
C VAL A 51 -14.52 16.52 -9.26
N SER A 52 -14.86 17.80 -9.39
CA SER A 52 -15.44 18.57 -8.31
C SER A 52 -16.95 18.76 -8.54
N THR A 53 -17.52 19.79 -7.91
CA THR A 53 -18.92 20.11 -8.10
C THR A 53 -19.21 20.36 -9.57
N GLY A 54 -20.20 19.64 -10.10
CA GLY A 54 -20.66 19.87 -11.46
C GLY A 54 -19.84 19.16 -12.52
N GLY A 55 -18.52 19.22 -12.40
CA GLY A 55 -17.65 18.57 -13.36
C GLY A 55 -16.38 19.32 -13.65
N SER A 56 -15.89 20.09 -12.68
CA SER A 56 -14.61 20.79 -12.84
C SER A 56 -13.48 19.79 -12.74
N THR A 57 -13.10 19.18 -13.86
CA THR A 57 -12.05 18.17 -13.85
C THR A 57 -10.68 18.82 -13.75
N THR A 58 -9.76 18.11 -13.10
CA THR A 58 -8.42 18.61 -12.87
C THR A 58 -7.46 17.42 -12.84
N TYR A 59 -6.35 17.53 -13.58
CA TYR A 59 -5.45 16.41 -13.80
C TYR A 59 -4.02 16.83 -13.45
N ASN A 60 -3.12 15.87 -13.52
CA ASN A 60 -1.70 16.12 -13.32
C ASN A 60 -1.12 16.74 -14.58
N PRO A 61 -0.41 17.88 -14.47
CA PRO A 61 0.15 18.48 -15.70
C PRO A 61 0.97 17.51 -16.54
N GLY A 62 1.67 16.57 -15.91
CA GLY A 62 2.50 15.65 -16.65
C GLY A 62 1.78 14.44 -17.21
N LEU A 63 0.49 14.27 -16.90
CA LEU A 63 -0.28 13.14 -17.40
C LEU A 63 -1.66 13.52 -17.91
N LYS A 64 -2.01 14.81 -17.95
CA LYS A 64 -3.31 15.20 -18.45
C LYS A 64 -3.57 14.75 -19.90
N PRO A 65 -2.57 14.63 -20.78
CA PRO A 65 -2.90 14.20 -22.15
C PRO A 65 -3.50 12.80 -22.21
N ARG A 66 -3.08 11.90 -21.34
CA ARG A 66 -3.56 10.52 -21.36
C ARG A 66 -4.67 10.26 -20.35
N LEU A 67 -4.99 11.21 -19.48
CA LEU A 67 -5.96 11.01 -18.43
C LEU A 67 -7.30 11.65 -18.79
N SER A 68 -8.38 11.02 -18.33
CA SER A 68 -9.73 11.52 -18.54
C SER A 68 -10.60 11.02 -17.40
N ILE A 69 -11.31 11.95 -16.75
CA ILE A 69 -12.16 11.62 -15.61
C ILE A 69 -13.54 12.21 -15.86
N THR A 70 -14.55 11.36 -15.92
CA THR A 70 -15.94 11.77 -16.06
C THR A 70 -16.68 11.45 -14.77
N LYS A 71 -17.97 11.78 -14.75
CA LYS A 71 -18.74 11.76 -13.52
C LYS A 71 -20.22 11.57 -13.85
N ASP A 72 -20.91 10.77 -13.04
CA ASP A 72 -22.33 10.46 -13.24
C ASP A 72 -22.99 10.46 -11.86
N ASN A 73 -23.57 11.61 -11.48
CA ASN A 73 -24.21 11.71 -10.18
C ASN A 73 -25.40 10.76 -10.06
N SER A 74 -26.01 10.40 -11.19
CA SER A 74 -27.13 9.46 -11.16
C SER A 74 -26.73 8.16 -10.47
N LYS A 75 -25.76 7.46 -11.04
CA LYS A 75 -25.30 6.18 -10.50
C LYS A 75 -24.31 6.35 -9.35
N SER A 76 -24.01 7.59 -8.96
CA SER A 76 -23.02 7.87 -7.93
C SER A 76 -21.70 7.16 -8.26
N GLN A 77 -21.18 7.46 -9.45
CA GLN A 77 -19.98 6.82 -9.95
C GLN A 77 -19.12 7.84 -10.67
N ILE A 78 -17.81 7.73 -10.44
CA ILE A 78 -16.80 8.49 -11.18
C ILE A 78 -15.90 7.49 -11.87
N SER A 79 -15.39 7.86 -13.04
CA SER A 79 -14.59 6.97 -13.87
C SER A 79 -13.24 7.61 -14.17
N LEU A 80 -12.25 6.75 -14.45
CA LEU A 80 -10.92 7.15 -14.85
C LEU A 80 -10.53 6.40 -16.11
N THR A 81 -9.76 7.06 -16.97
CA THR A 81 -9.31 6.46 -18.22
C THR A 81 -7.88 6.91 -18.47
N VAL A 82 -6.97 5.95 -18.61
CA VAL A 82 -5.57 6.20 -18.94
C VAL A 82 -5.29 5.50 -20.27
N THR A 83 -4.94 6.29 -21.28
CA THR A 83 -4.76 5.76 -22.62
C THR A 83 -3.32 5.32 -22.86
N SER A 84 -3.16 4.41 -23.81
CA SER A 84 -1.86 3.90 -24.24
C SER A 84 -0.99 3.55 -23.03
N VAL A 85 -1.45 2.56 -22.27
CA VAL A 85 -0.79 2.20 -21.02
C VAL A 85 0.44 1.37 -21.29
N THR A 86 1.37 1.41 -20.34
CA THR A 86 2.59 0.61 -20.39
C THR A 86 2.79 -0.10 -19.06
N THR A 87 3.92 -0.80 -18.91
CA THR A 87 4.21 -1.43 -17.63
C THR A 87 4.36 -0.40 -16.52
N GLU A 88 4.74 0.82 -16.87
CA GLU A 88 4.86 1.88 -15.86
C GLU A 88 3.51 2.28 -15.27
N ASP A 89 2.41 1.94 -15.95
CA ASP A 89 1.08 2.22 -15.43
C ASP A 89 0.51 1.08 -14.59
N SER A 90 1.21 -0.04 -14.50
CA SER A 90 0.83 -1.08 -13.55
C SER A 90 0.99 -0.53 -12.13
N ALA A 91 -0.10 -0.57 -11.36
CA ALA A 91 -0.10 0.05 -10.04
C ALA A 91 -1.41 -0.26 -9.35
N THR A 92 -1.46 0.04 -8.05
CA THR A 92 -2.71 0.06 -7.30
C THR A 92 -3.36 1.42 -7.51
N TYR A 93 -4.60 1.41 -7.97
CA TYR A 93 -5.36 2.64 -8.22
C TYR A 93 -6.39 2.81 -7.11
N TYR A 94 -6.28 3.91 -6.36
CA TYR A 94 -7.14 4.17 -5.23
C TYR A 94 -8.19 5.21 -5.60
N CYS A 95 -9.45 4.90 -5.31
CA CYS A 95 -10.49 5.91 -5.31
C CYS A 95 -10.46 6.65 -3.98
N THR A 96 -10.60 7.97 -4.03
CA THR A 96 -10.50 8.80 -2.83
C THR A 96 -11.50 9.93 -2.90
N THR A 97 -11.84 10.46 -1.72
CA THR A 97 -12.61 11.69 -1.60
C THR A 97 -11.63 12.81 -1.24
N VAL A 98 -11.43 13.72 -2.17
CA VAL A 98 -10.55 14.86 -1.97
C VAL A 98 -11.35 16.02 -1.38
N HIS A 99 -10.70 16.81 -0.55
CA HIS A 99 -11.30 18.02 0.01
C HIS A 99 -10.51 19.21 -0.54
N GLN A 100 -10.99 19.77 -1.64
CA GLN A 100 -10.38 20.94 -2.25
C GLN A 100 -11.00 22.21 -1.66
N THR A 101 -10.17 23.21 -1.42
CA THR A 101 -10.63 24.47 -0.86
C THR A 101 -9.55 25.52 -1.06
N THR A 102 -9.96 26.72 -1.42
CA THR A 102 -9.06 27.86 -1.61
C THR A 102 -9.50 28.97 -0.66
N LYS A 103 -8.86 29.03 0.51
CA LYS A 103 -9.20 30.05 1.48
C LYS A 103 -8.70 31.41 1.02
N THR A 104 -9.50 32.44 1.26
CA THR A 104 -9.20 33.80 0.83
C THR A 104 -9.00 34.69 2.04
N THR A 105 -8.00 35.57 1.97
CA THR A 105 -7.69 36.50 3.04
C THR A 105 -7.44 37.88 2.44
N LYS A 106 -7.86 38.92 3.16
CA LYS A 106 -7.77 40.29 2.68
C LYS A 106 -6.53 40.96 3.26
N GLU A 107 -5.83 41.70 2.40
CA GLU A 107 -4.60 42.38 2.79
C GLU A 107 -4.44 43.65 1.96
N CYS A 108 -3.53 44.51 2.40
CA CYS A 108 -3.15 45.71 1.66
C CYS A 108 -1.80 45.53 0.99
N PRO A 109 -1.48 46.33 -0.03
CA PRO A 109 -0.16 46.22 -0.66
C PRO A 109 0.97 46.57 0.31
N GLU A 110 2.20 46.53 -0.18
CA GLU A 110 3.35 46.89 0.65
C GLU A 110 3.36 48.38 0.91
N GLY A 111 3.46 48.76 2.19
CA GLY A 111 3.49 50.15 2.59
C GLY A 111 2.14 50.73 2.95
N TYR A 112 1.04 50.16 2.45
CA TYR A 112 -0.29 50.64 2.76
C TYR A 112 -0.82 50.00 4.04
N ASN A 113 -1.65 50.74 4.77
CA ASN A 113 -2.27 50.28 6.00
C ASN A 113 -3.78 50.44 5.89
N TRP A 114 -4.49 49.98 6.92
CA TRP A 114 -5.94 50.06 6.93
C TRP A 114 -6.39 51.49 7.23
N ASP A 115 -7.46 51.91 6.55
CA ASP A 115 -7.98 53.26 6.71
C ASP A 115 -9.39 53.30 6.12
N ASP A 116 -10.12 54.37 6.44
CA ASP A 116 -11.49 54.55 5.98
C ASP A 116 -11.61 55.71 4.99
N GLY A 117 -10.52 56.09 4.34
CA GLY A 117 -10.51 57.27 3.48
C GLY A 117 -10.90 57.03 2.04
N CYS A 118 -10.98 55.78 1.60
CA CYS A 118 -11.25 55.51 0.19
C CYS A 118 -12.61 56.05 -0.20
N GLY A 119 -12.66 56.70 -1.36
CA GLY A 119 -13.93 57.12 -1.91
C GLY A 119 -14.74 55.94 -2.43
N SER A 120 -16.03 56.19 -2.65
CA SER A 120 -16.90 55.14 -3.15
C SER A 120 -16.59 54.81 -4.61
N GLU A 121 -16.10 55.78 -5.38
CA GLU A 121 -15.79 55.54 -6.78
C GLU A 121 -14.69 54.50 -6.96
N LEU A 122 -13.90 54.23 -5.92
CA LEU A 122 -12.87 53.21 -6.02
C LEU A 122 -13.46 51.81 -6.12
N GLY A 123 -14.75 51.64 -5.86
CA GLY A 123 -15.41 50.36 -6.02
C GLY A 123 -14.74 49.23 -5.27
N CYS A 124 -14.40 49.47 -4.00
CA CYS A 124 -13.76 48.44 -3.19
C CYS A 124 -14.75 47.42 -2.62
N GLY A 125 -16.05 47.67 -2.76
CA GLY A 125 -17.04 46.69 -2.35
C GLY A 125 -17.20 46.54 -0.85
N GLY A 126 -16.89 47.59 -0.09
CA GLY A 126 -17.00 47.51 1.36
C GLY A 126 -16.19 48.57 2.06
N ALA A 127 -16.72 49.10 3.17
CA ALA A 127 -16.02 50.14 3.90
C ALA A 127 -14.73 49.62 4.53
N ASP A 128 -14.72 48.36 4.95
CA ASP A 128 -13.52 47.80 5.58
C ASP A 128 -12.42 47.53 4.57
N CYS A 129 -12.78 47.28 3.31
CA CYS A 129 -11.82 46.99 2.26
C CYS A 129 -11.29 48.31 1.72
N CYS A 130 -10.37 48.92 2.47
CA CYS A 130 -9.79 50.20 2.11
C CYS A 130 -8.38 50.28 2.68
N CYS A 131 -7.45 50.80 1.88
CA CYS A 131 -6.05 50.90 2.27
C CYS A 131 -5.55 52.32 2.00
N TRP A 132 -4.54 52.73 2.76
CA TRP A 132 -3.96 54.06 2.63
C TRP A 132 -2.47 53.96 2.92
N GLY A 133 -1.67 54.63 2.10
CA GLY A 133 -0.22 54.57 2.24
C GLY A 133 0.47 55.91 2.11
N GLY A 134 0.45 56.70 3.17
CA GLY A 134 1.11 57.99 3.17
C GLY A 134 0.41 58.99 2.28
N VAL A 135 1.01 60.18 2.20
CA VAL A 135 0.51 61.28 1.39
C VAL A 135 1.59 61.60 0.34
N ASP A 136 1.30 61.28 -0.91
CA ASP A 136 2.24 61.56 -1.98
C ASP A 136 2.32 63.06 -2.25
N GLU A 137 3.51 63.52 -2.63
CA GLU A 137 3.72 64.94 -2.87
C GLU A 137 2.91 65.44 -4.06
N TYR A 138 2.62 64.57 -5.02
CA TYR A 138 1.89 64.94 -6.23
C TYR A 138 0.45 64.45 -6.19
N ALA A 139 0.25 63.14 -6.03
CA ALA A 139 -1.09 62.58 -6.09
C ALA A 139 -1.91 62.92 -4.85
N GLY A 140 -1.26 63.13 -3.70
CA GLY A 140 -1.96 63.39 -2.47
C GLY A 140 -2.25 62.13 -1.69
N ASP A 141 -3.36 62.09 -0.98
CA ASP A 141 -3.73 60.91 -0.21
C ASP A 141 -3.83 59.70 -1.13
N LEU A 142 -3.00 58.68 -0.86
CA LEU A 142 -2.95 57.47 -1.68
C LEU A 142 -3.98 56.48 -1.17
N TYR A 143 -5.03 56.25 -1.96
CA TYR A 143 -6.07 55.30 -1.64
C TYR A 143 -5.96 54.08 -2.55
N SER A 144 -6.41 52.94 -2.04
CA SER A 144 -6.36 51.69 -2.79
C SER A 144 -7.25 50.67 -2.10
N CYS A 145 -7.89 49.83 -2.90
CA CYS A 145 -8.74 48.78 -2.36
C CYS A 145 -7.88 47.66 -1.76
N CYS A 146 -8.51 46.87 -0.89
CA CYS A 146 -7.81 45.78 -0.24
C CYS A 146 -7.53 44.66 -1.24
N SER A 147 -6.30 44.16 -1.24
CA SER A 147 -5.93 43.05 -2.10
C SER A 147 -6.34 41.73 -1.45
N VAL A 148 -6.80 40.79 -2.27
CA VAL A 148 -7.30 39.51 -1.80
C VAL A 148 -6.28 38.44 -2.18
N ALA A 149 -5.80 37.70 -1.18
CA ALA A 149 -4.85 36.62 -1.40
C ALA A 149 -5.61 35.31 -1.63
N HIS A 150 -4.85 34.22 -1.81
CA HIS A 150 -5.46 32.92 -2.07
C HIS A 150 -4.59 31.85 -1.41
N THR A 151 -5.17 31.14 -0.45
CA THR A 151 -4.50 30.05 0.25
C THR A 151 -5.08 28.73 -0.24
N TYR A 152 -4.25 27.92 -0.89
CA TYR A 152 -4.70 26.63 -1.42
C TYR A 152 -4.72 25.59 -0.32
N GLU A 153 -5.79 24.80 -0.28
CA GLU A 153 -5.98 23.76 0.72
C GLU A 153 -6.37 22.47 0.03
N TRP A 154 -5.66 21.39 0.35
CA TRP A 154 -5.89 20.10 -0.29
C TRP A 154 -5.44 18.97 0.62
N TYR A 155 -6.25 17.93 0.70
CA TYR A 155 -5.89 16.71 1.42
C TYR A 155 -6.92 15.64 1.10
N VAL A 156 -6.53 14.38 1.34
CA VAL A 156 -7.37 13.23 1.06
C VAL A 156 -8.07 12.83 2.35
N ASP A 157 -9.40 12.83 2.34
CA ASP A 157 -10.16 12.51 3.54
C ASP A 157 -10.28 11.01 3.74
N ALA A 158 -10.67 10.27 2.72
CA ALA A 158 -10.88 8.84 2.82
C ALA A 158 -10.28 8.14 1.62
N TRP A 159 -9.75 6.94 1.86
CA TRP A 159 -9.09 6.14 0.84
C TRP A 159 -9.90 4.88 0.57
N GLY A 160 -10.15 4.60 -0.71
CA GLY A 160 -10.65 3.29 -1.08
C GLY A 160 -9.61 2.21 -0.84
N GLN A 161 -10.06 0.96 -0.89
CA GLN A 161 -9.15 -0.16 -0.68
C GLN A 161 -8.13 -0.27 -1.81
N GLY A 162 -8.41 0.28 -2.97
CA GLY A 162 -7.49 0.20 -4.09
C GLY A 162 -7.74 -1.01 -4.97
N LEU A 163 -7.46 -0.84 -6.26
CA LEU A 163 -7.57 -1.91 -7.24
C LEU A 163 -6.24 -2.03 -7.96
N LEU A 164 -5.67 -3.24 -7.94
CA LEU A 164 -4.38 -3.50 -8.55
C LEU A 164 -4.55 -3.79 -10.04
N VAL A 165 -3.85 -3.02 -10.87
CA VAL A 165 -3.93 -3.14 -12.32
C VAL A 165 -2.56 -3.55 -12.85
N THR A 166 -2.55 -4.53 -13.73
CA THR A 166 -1.32 -5.02 -14.36
C THR A 166 -1.44 -4.84 -15.86
N VAL A 167 -0.42 -4.23 -16.45
CA VAL A 167 -0.34 -4.05 -17.90
C VAL A 167 0.49 -5.19 -18.45
N SER A 168 -0.15 -6.08 -19.21
CA SER A 168 0.54 -7.24 -19.76
C SER A 168 -0.29 -7.84 -20.89
N SER A 169 0.41 -8.49 -21.83
CA SER A 169 -0.23 -9.26 -22.87
C SER A 169 -0.61 -10.67 -22.43
N ALA A 170 -0.10 -11.12 -21.29
CA ALA A 170 -0.43 -12.44 -20.78
C ALA A 170 -1.90 -12.47 -20.37
N SER A 171 -2.51 -13.64 -20.53
CA SER A 171 -3.93 -13.82 -20.26
C SER A 171 -4.16 -14.24 -18.81
N THR A 172 -5.38 -13.99 -18.34
CA THR A 172 -5.74 -14.30 -16.97
C THR A 172 -5.73 -15.81 -16.75
N LYS A 173 -5.32 -16.23 -15.56
CA LYS A 173 -5.29 -17.65 -15.21
C LYS A 173 -5.66 -17.78 -13.73
N GLY A 174 -6.70 -18.54 -13.44
CA GLY A 174 -7.11 -18.80 -12.09
C GLY A 174 -6.09 -19.66 -11.35
N PRO A 175 -6.18 -19.69 -10.02
CA PRO A 175 -5.20 -20.44 -9.23
C PRO A 175 -5.57 -21.92 -9.08
N SER A 176 -4.53 -22.74 -8.94
CA SER A 176 -4.65 -24.12 -8.52
C SER A 176 -4.20 -24.21 -7.07
N VAL A 177 -5.10 -24.65 -6.19
CA VAL A 177 -4.87 -24.61 -4.75
C VAL A 177 -4.59 -26.02 -4.27
N PHE A 178 -3.44 -26.21 -3.61
CA PHE A 178 -3.01 -27.51 -3.12
C PHE A 178 -2.83 -27.45 -1.60
N PRO A 179 -3.07 -28.57 -0.91
CA PRO A 179 -2.97 -28.55 0.56
C PRO A 179 -1.53 -28.68 1.04
N LEU A 180 -1.22 -27.95 2.09
CA LEU A 180 0.03 -28.08 2.84
C LEU A 180 -0.36 -28.71 4.17
N ALA A 181 -0.41 -30.05 4.20
CA ALA A 181 -1.01 -30.75 5.32
C ALA A 181 0.01 -30.97 6.44
N PRO A 182 -0.44 -30.94 7.69
CA PRO A 182 0.48 -31.21 8.80
C PRO A 182 0.81 -32.69 8.88
N SER A 183 2.00 -32.97 9.42
CA SER A 183 2.53 -34.33 9.46
C SER A 183 3.00 -34.66 10.88
N SER A 184 3.07 -35.96 11.16
CA SER A 184 3.46 -36.41 12.49
C SER A 184 4.82 -35.84 12.90
N LYS A 185 5.68 -35.53 11.92
CA LYS A 185 6.99 -34.97 12.20
C LYS A 185 7.06 -33.47 12.00
N SER A 186 6.08 -32.86 11.34
CA SER A 186 6.09 -31.43 11.05
C SER A 186 5.39 -30.60 12.12
N THR A 187 5.09 -31.17 13.27
CA THR A 187 4.44 -30.44 14.35
C THR A 187 5.48 -29.72 15.21
N SER A 188 4.98 -28.78 16.02
CA SER A 188 5.80 -28.08 17.00
C SER A 188 5.14 -28.22 18.38
N GLY A 189 5.04 -29.46 18.85
CA GLY A 189 4.43 -29.74 20.13
C GLY A 189 2.92 -29.55 20.11
N GLY A 190 2.44 -28.57 20.88
CA GLY A 190 1.01 -28.34 20.97
C GLY A 190 0.43 -27.66 19.75
N THR A 191 1.27 -27.03 18.92
CA THR A 191 0.83 -26.35 17.72
C THR A 191 1.29 -27.10 16.48
N ALA A 192 0.54 -26.92 15.39
CA ALA A 192 0.86 -27.52 14.10
C ALA A 192 0.65 -26.51 13.01
N ALA A 193 1.61 -26.41 12.10
CA ALA A 193 1.51 -25.52 10.94
C ALA A 193 0.83 -26.27 9.79
N LEU A 194 -0.14 -25.62 9.16
CA LEU A 194 -0.80 -26.14 7.99
C LEU A 194 -1.18 -24.96 7.10
N GLY A 195 -1.38 -25.23 5.82
CA GLY A 195 -1.63 -24.13 4.91
C GLY A 195 -2.13 -24.60 3.56
N CYS A 196 -2.17 -23.65 2.63
CA CYS A 196 -2.56 -23.90 1.26
C CYS A 196 -1.54 -23.25 0.33
N LEU A 197 -1.16 -23.98 -0.71
CA LEU A 197 -0.31 -23.47 -1.78
C LEU A 197 -1.21 -23.00 -2.92
N VAL A 198 -1.15 -21.72 -3.25
CA VAL A 198 -1.93 -21.15 -4.34
C VAL A 198 -0.99 -20.97 -5.52
N LYS A 199 -1.11 -21.82 -6.52
CA LYS A 199 -0.09 -22.00 -7.54
C LYS A 199 -0.58 -21.56 -8.91
N ASP A 200 0.30 -20.90 -9.66
CA ASP A 200 0.14 -20.65 -11.09
C ASP A 200 -1.15 -19.86 -11.38
N TYR A 201 -1.14 -18.60 -10.94
CA TYR A 201 -2.22 -17.68 -11.23
C TYR A 201 -1.64 -16.39 -11.82
N PHE A 202 -2.52 -15.64 -12.48
CA PHE A 202 -2.15 -14.37 -13.09
C PHE A 202 -3.40 -13.60 -13.47
N PRO A 203 -3.45 -12.28 -13.26
CA PRO A 203 -2.43 -11.46 -12.59
C PRO A 203 -2.60 -11.51 -11.08
N GLU A 204 -1.84 -10.69 -10.37
CA GLU A 204 -2.12 -10.45 -8.97
C GLU A 204 -3.37 -9.60 -8.84
N PRO A 205 -3.99 -9.56 -7.64
CA PRO A 205 -3.61 -10.24 -6.41
C PRO A 205 -4.48 -11.45 -6.05
N VAL A 206 -4.08 -12.13 -4.98
CA VAL A 206 -4.87 -13.19 -4.36
C VAL A 206 -4.95 -12.91 -2.87
N THR A 207 -6.14 -13.10 -2.30
CA THR A 207 -6.33 -13.02 -0.86
C THR A 207 -6.75 -14.38 -0.34
N VAL A 208 -6.42 -14.65 0.92
CA VAL A 208 -6.71 -15.94 1.54
C VAL A 208 -7.21 -15.70 2.96
N SER A 209 -8.32 -16.35 3.30
CA SER A 209 -8.82 -16.43 4.66
C SER A 209 -8.89 -17.89 5.06
N TRP A 210 -9.32 -18.14 6.30
CA TRP A 210 -9.45 -19.50 6.82
C TRP A 210 -10.78 -19.62 7.54
N ASN A 211 -11.51 -20.70 7.25
CA ASN A 211 -12.82 -20.96 7.83
C ASN A 211 -13.72 -19.74 7.70
N SER A 212 -13.72 -19.15 6.49
CA SER A 212 -14.56 -18.01 6.16
C SER A 212 -14.33 -16.84 7.13
N GLY A 213 -13.07 -16.65 7.53
CA GLY A 213 -12.72 -15.59 8.45
C GLY A 213 -12.95 -15.90 9.91
N ALA A 214 -13.65 -16.98 10.23
CA ALA A 214 -13.85 -17.35 11.63
C ALA A 214 -12.54 -17.70 12.32
N LEU A 215 -11.50 -18.04 11.55
CA LEU A 215 -10.19 -18.39 12.10
C LEU A 215 -9.19 -17.35 11.64
N THR A 216 -8.65 -16.58 12.58
CA THR A 216 -7.70 -15.52 12.26
C THR A 216 -6.41 -15.58 13.08
N SER A 217 -6.39 -16.25 14.23
CA SER A 217 -5.19 -16.29 15.05
C SER A 217 -4.13 -17.15 14.37
N GLY A 218 -2.92 -16.60 14.26
CA GLY A 218 -1.82 -17.35 13.69
C GLY A 218 -1.87 -17.51 12.19
N VAL A 219 -2.69 -16.74 11.51
CA VAL A 219 -2.79 -16.78 10.05
C VAL A 219 -1.78 -15.80 9.46
N HIS A 220 -1.09 -16.24 8.42
CA HIS A 220 -0.23 -15.35 7.64
C HIS A 220 -0.25 -15.80 6.20
N THR A 221 -0.67 -14.92 5.31
CA THR A 221 -0.57 -15.14 3.87
C THR A 221 0.68 -14.42 3.38
N PHE A 222 1.51 -15.12 2.65
CA PHE A 222 2.79 -14.59 2.22
C PHE A 222 2.65 -13.79 0.95
N PRO A 223 3.63 -12.92 0.65
CA PRO A 223 3.67 -12.31 -0.68
C PRO A 223 3.90 -13.38 -1.75
N ALA A 224 3.58 -13.04 -2.98
CA ALA A 224 3.68 -14.00 -4.08
C ALA A 224 5.08 -13.96 -4.68
N VAL A 225 5.44 -15.06 -5.31
CA VAL A 225 6.67 -15.17 -6.09
C VAL A 225 6.29 -15.19 -7.57
N LEU A 226 7.05 -14.47 -8.38
CA LEU A 226 6.88 -14.51 -9.82
C LEU A 226 7.83 -15.54 -10.41
N GLN A 227 7.28 -16.59 -11.01
CA GLN A 227 8.06 -17.69 -11.52
C GLN A 227 8.55 -17.40 -12.94
N SER A 228 9.49 -18.23 -13.40
CA SER A 228 9.99 -18.10 -14.77
C SER A 228 8.86 -18.24 -15.79
N SER A 229 7.81 -18.99 -15.44
CA SER A 229 6.69 -19.18 -16.34
C SER A 229 5.85 -17.92 -16.49
N GLY A 230 6.13 -16.86 -15.73
CA GLY A 230 5.29 -15.68 -15.72
C GLY A 230 4.09 -15.77 -14.81
N LEU A 231 3.85 -16.94 -14.20
CA LEU A 231 2.73 -17.12 -13.29
C LEU A 231 3.19 -16.92 -11.85
N TYR A 232 2.25 -16.49 -11.01
CA TYR A 232 2.51 -16.25 -9.60
C TYR A 232 2.11 -17.46 -8.77
N SER A 233 2.71 -17.55 -7.58
CA SER A 233 2.32 -18.53 -6.57
C SER A 233 2.57 -17.92 -5.20
N LEU A 234 1.73 -18.29 -4.23
CA LEU A 234 1.95 -17.91 -2.84
C LEU A 234 1.39 -19.00 -1.94
N SER A 235 1.72 -18.90 -0.66
CA SER A 235 1.23 -19.81 0.35
C SER A 235 0.56 -19.01 1.46
N SER A 236 -0.40 -19.65 2.13
CA SER A 236 -1.00 -19.11 3.34
C SER A 236 -0.95 -20.17 4.41
N VAL A 237 -0.43 -19.81 5.58
CA VAL A 237 -0.22 -20.75 6.67
C VAL A 237 -0.99 -20.27 7.89
N VAL A 238 -1.53 -21.23 8.64
CA VAL A 238 -2.20 -20.96 9.90
C VAL A 238 -1.68 -21.95 10.93
N THR A 239 -1.49 -21.47 12.15
CA THR A 239 -1.03 -22.30 13.27
C THR A 239 -2.24 -22.73 14.09
N VAL A 240 -2.36 -24.02 14.32
CA VAL A 240 -3.52 -24.58 15.00
C VAL A 240 -3.06 -25.56 16.07
N PRO A 241 -3.93 -25.96 17.00
CA PRO A 241 -3.54 -26.97 17.99
C PRO A 241 -3.39 -28.34 17.33
N SER A 242 -2.22 -28.96 17.57
CA SER A 242 -1.97 -30.28 17.01
C SER A 242 -3.08 -31.26 17.35
N SER A 243 -3.66 -31.14 18.54
CA SER A 243 -4.67 -32.08 19.00
C SER A 243 -6.01 -31.93 18.29
N SER A 244 -6.22 -30.85 17.53
CA SER A 244 -7.48 -30.60 16.86
C SER A 244 -7.48 -31.03 15.40
N LEU A 245 -6.38 -31.60 14.91
CA LEU A 245 -6.26 -31.86 13.49
C LEU A 245 -7.35 -32.81 12.99
N GLY A 246 -7.66 -33.85 13.78
CA GLY A 246 -8.65 -34.81 13.35
C GLY A 246 -10.08 -34.33 13.47
N THR A 247 -10.38 -33.51 14.48
CA THR A 247 -11.76 -33.13 14.79
C THR A 247 -12.16 -31.83 14.11
N GLN A 248 -11.34 -30.78 14.23
CA GLN A 248 -11.69 -29.48 13.66
C GLN A 248 -11.31 -29.46 12.18
N THR A 249 -12.25 -28.97 11.36
CA THR A 249 -12.02 -28.85 9.92
C THR A 249 -11.38 -27.51 9.59
N TYR A 250 -10.39 -27.54 8.70
CA TYR A 250 -9.66 -26.34 8.30
C TYR A 250 -9.76 -26.18 6.79
N ILE A 251 -10.32 -25.06 6.36
CA ILE A 251 -10.57 -24.76 4.95
C ILE A 251 -9.98 -23.40 4.64
N CYS A 252 -9.15 -23.33 3.59
CA CYS A 252 -8.62 -22.06 3.13
C CYS A 252 -9.52 -21.50 2.03
N ASN A 253 -9.89 -20.24 2.18
CA ASN A 253 -10.78 -19.55 1.23
C ASN A 253 -9.90 -18.65 0.37
N VAL A 254 -9.64 -19.08 -0.85
CA VAL A 254 -8.79 -18.36 -1.78
C VAL A 254 -9.66 -17.52 -2.70
N ASN A 255 -9.33 -16.25 -2.83
CA ASN A 255 -10.06 -15.32 -3.69
C ASN A 255 -9.10 -14.76 -4.72
N HIS A 256 -9.44 -14.92 -6.01
CA HIS A 256 -8.67 -14.36 -7.13
C HIS A 256 -9.66 -13.60 -8.01
N LYS A 257 -10.01 -12.39 -7.56
CA LYS A 257 -10.94 -11.56 -8.31
C LYS A 257 -10.55 -11.38 -9.77
N PRO A 258 -9.27 -11.24 -10.14
CA PRO A 258 -8.93 -11.05 -11.56
C PRO A 258 -9.55 -12.09 -12.48
N SER A 259 -9.79 -13.32 -12.00
CA SER A 259 -10.43 -14.36 -12.79
C SER A 259 -11.80 -14.75 -12.25
N ASN A 260 -12.36 -13.95 -11.35
CA ASN A 260 -13.67 -14.24 -10.74
C ASN A 260 -13.72 -15.67 -10.21
N THR A 261 -12.65 -16.08 -9.53
CA THR A 261 -12.51 -17.43 -9.00
C THR A 261 -12.40 -17.38 -7.49
N LYS A 262 -13.10 -18.30 -6.83
CA LYS A 262 -12.94 -18.55 -5.40
C LYS A 262 -12.81 -20.05 -5.19
N VAL A 263 -11.85 -20.45 -4.36
CA VAL A 263 -11.57 -21.85 -4.11
C VAL A 263 -11.56 -22.09 -2.60
N ASP A 264 -12.37 -23.03 -2.15
CA ASP A 264 -12.33 -23.53 -0.77
C ASP A 264 -11.69 -24.92 -0.81
N LYS A 265 -10.54 -25.08 -0.15
CA LYS A 265 -9.85 -26.35 -0.09
C LYS A 265 -9.73 -26.78 1.36
N LYS A 266 -10.27 -27.97 1.66
CA LYS A 266 -10.11 -28.58 2.97
C LYS A 266 -8.72 -29.21 3.06
N VAL A 267 -8.00 -28.91 4.13
CA VAL A 267 -6.67 -29.42 4.36
C VAL A 267 -6.78 -30.58 5.35
N GLU A 268 -6.62 -31.81 4.85
CA GLU A 268 -6.71 -33.00 5.69
C GLU A 268 -5.38 -33.30 6.36
N PRO A 269 -5.40 -33.85 7.58
CA PRO A 269 -4.14 -34.26 8.21
C PRO A 269 -3.60 -35.55 7.60
N LYS A 270 -2.29 -35.58 7.38
CA LYS A 270 -1.66 -36.77 6.84
C LYS A 270 -1.65 -37.90 7.86
N SER A 271 -1.70 -39.13 7.35
CA SER A 271 -1.55 -40.30 8.22
C SER A 271 -0.11 -40.47 8.68
N CYS A 272 0.85 -39.97 7.89
CA CYS A 272 2.26 -40.06 8.23
C CYS A 272 2.53 -39.53 9.64
N GLN B 1 8.59 14.22 -13.45
CA GLN B 1 8.16 13.57 -12.18
C GLN B 1 8.58 14.39 -10.97
N ALA B 2 7.87 15.50 -10.74
CA ALA B 2 8.17 16.37 -9.61
C ALA B 2 7.66 15.75 -8.32
N VAL B 3 8.54 15.65 -7.33
CA VAL B 3 8.22 15.00 -6.06
C VAL B 3 8.86 15.80 -4.94
N LEU B 4 8.12 16.03 -3.86
CA LEU B 4 8.67 16.71 -2.70
C LEU B 4 9.80 15.89 -2.10
N ASN B 5 10.72 16.57 -1.42
CA ASN B 5 11.96 15.96 -0.96
C ASN B 5 11.78 15.42 0.46
N GLN B 6 11.83 14.10 0.60
CA GLN B 6 11.82 13.42 1.89
C GLN B 6 13.06 12.55 2.04
N PRO B 7 13.55 12.36 3.27
CA PRO B 7 14.62 11.39 3.47
C PRO B 7 14.17 9.98 3.13
N SER B 8 15.04 9.23 2.47
CA SER B 8 14.69 7.86 2.08
C SER B 8 14.34 7.02 3.30
N SER B 9 15.19 7.05 4.32
CA SER B 9 15.01 6.20 5.49
C SER B 9 15.29 7.00 6.76
N VAL B 10 14.55 6.67 7.82
CA VAL B 10 14.76 7.23 9.15
C VAL B 10 14.56 6.12 10.16
N SER B 11 15.08 6.34 11.37
CA SER B 11 15.04 5.32 12.41
C SER B 11 14.80 5.97 13.77
N GLY B 12 14.40 5.13 14.72
CA GLY B 12 14.18 5.55 16.09
C GLY B 12 13.89 4.36 16.98
N SER B 13 14.31 4.42 18.23
CA SER B 13 14.11 3.31 19.16
C SER B 13 12.74 3.40 19.82
N LEU B 14 12.25 2.25 20.29
CA LEU B 14 10.98 2.19 20.97
C LEU B 14 10.89 3.27 22.04
N GLY B 15 9.74 3.94 22.10
CA GLY B 15 9.50 4.99 23.06
C GLY B 15 10.11 6.32 22.73
N GLN B 16 11.10 6.38 21.84
CA GLN B 16 11.77 7.63 21.51
C GLN B 16 10.97 8.40 20.46
N ARG B 17 11.50 9.56 20.09
CA ARG B 17 10.92 10.44 19.09
C ARG B 17 11.62 10.25 17.76
N VAL B 18 10.90 10.56 16.68
CA VAL B 18 11.48 10.60 15.34
C VAL B 18 10.82 11.74 14.57
N SER B 19 11.59 12.34 13.67
CA SER B 19 11.12 13.45 12.84
C SER B 19 11.37 13.12 11.37
N ILE B 20 10.38 13.41 10.54
CA ILE B 20 10.44 13.17 9.10
C ILE B 20 10.20 14.50 8.40
N THR B 21 11.16 14.94 7.61
CA THR B 21 11.10 16.24 6.96
C THR B 21 10.48 16.12 5.57
N CYS B 22 9.96 17.26 5.10
CA CYS B 22 9.29 17.34 3.79
C CYS B 22 9.68 18.70 3.19
N SER B 23 10.79 18.71 2.44
CA SER B 23 11.30 19.92 1.84
C SER B 23 10.75 20.07 0.43
N GLY B 24 10.25 21.25 0.10
CA GLY B 24 9.68 21.51 -1.21
C GLY B 24 10.09 22.86 -1.77
N SER B 25 9.17 23.81 -1.79
CA SER B 25 9.44 25.14 -2.32
C SER B 25 8.37 26.09 -1.78
N SER B 26 8.28 27.28 -2.38
CA SER B 26 7.30 28.27 -1.96
C SER B 26 5.93 28.05 -2.59
N SER B 27 5.87 27.40 -3.76
CA SER B 27 4.60 27.11 -4.39
C SER B 27 3.85 25.97 -3.70
N ASN B 28 4.56 25.14 -2.92
CA ASN B 28 3.95 23.98 -2.29
C ASN B 28 3.97 24.18 -0.78
N VAL B 29 4.95 23.67 -0.06
CA VAL B 29 4.95 23.70 1.39
C VAL B 29 4.89 25.13 1.91
N GLY B 30 5.49 26.08 1.17
CA GLY B 30 5.47 27.46 1.63
C GLY B 30 4.06 28.00 1.79
N ASN B 31 3.19 27.74 0.81
CA ASN B 31 1.79 28.15 0.93
C ASN B 31 1.10 27.54 2.12
N GLY B 32 1.70 26.52 2.75
CA GLY B 32 1.13 25.91 3.93
C GLY B 32 0.18 24.78 3.61
N TYR B 33 -0.50 24.33 4.65
CA TYR B 33 -1.53 23.30 4.54
C TYR B 33 -0.97 22.02 3.93
N VAL B 34 0.09 21.51 4.56
CA VAL B 34 0.71 20.25 4.16
C VAL B 34 -0.03 19.12 4.85
N SER B 35 -0.04 17.94 4.23
CA SER B 35 -0.70 16.77 4.75
C SER B 35 0.26 15.60 4.78
N TRP B 36 -0.06 14.63 5.62
CA TRP B 36 0.77 13.45 5.82
C TRP B 36 -0.08 12.19 5.75
N TYR B 37 0.50 11.13 5.21
CA TYR B 37 -0.22 9.87 5.01
C TYR B 37 0.69 8.72 5.39
N GLN B 38 0.09 7.69 5.99
CA GLN B 38 0.79 6.48 6.37
C GLN B 38 0.35 5.33 5.46
N LEU B 39 1.32 4.56 4.97
CA LEU B 39 1.05 3.41 4.11
C LEU B 39 1.77 2.21 4.70
N ILE B 40 1.01 1.29 5.28
CA ILE B 40 1.55 0.04 5.82
C ILE B 40 1.41 -1.02 4.74
N PRO B 41 2.43 -1.85 4.51
CA PRO B 41 2.30 -2.91 3.49
C PRO B 41 1.06 -3.75 3.73
N GLY B 42 0.28 -3.95 2.67
CA GLY B 42 -0.93 -4.74 2.78
C GLY B 42 -2.13 -4.00 3.31
N SER B 43 -2.15 -2.67 3.22
CA SER B 43 -3.28 -1.89 3.69
C SER B 43 -3.32 -0.56 2.94
N ALA B 44 -4.52 -0.02 2.80
CA ALA B 44 -4.69 1.22 2.05
C ALA B 44 -4.08 2.39 2.82
N PRO B 45 -3.63 3.42 2.11
CA PRO B 45 -3.04 4.58 2.81
C PRO B 45 -4.01 5.19 3.80
N ARG B 46 -3.48 5.65 4.93
CA ARG B 46 -4.26 6.28 5.97
C ARG B 46 -3.79 7.72 6.16
N THR B 47 -4.74 8.66 6.11
CA THR B 47 -4.42 10.06 6.33
C THR B 47 -4.16 10.31 7.81
N LEU B 48 -3.02 10.91 8.12
CA LEU B 48 -2.63 11.20 9.50
C LEU B 48 -2.82 12.68 9.83
N ILE B 49 -2.09 13.56 9.16
CA ILE B 49 -2.10 14.99 9.44
C ILE B 49 -2.58 15.72 8.20
N TYR B 50 -3.29 16.83 8.43
CA TYR B 50 -3.69 17.73 7.36
C TYR B 50 -3.64 19.15 7.89
N GLY B 51 -3.58 20.11 6.97
CA GLY B 51 -3.43 21.49 7.38
C GLY B 51 -2.19 21.70 8.24
N ASP B 52 -1.07 21.10 7.85
CA ASP B 52 0.19 21.21 8.57
C ASP B 52 0.17 20.53 9.93
N THR B 53 -0.80 20.88 10.78
CA THR B 53 -0.79 20.47 12.18
C THR B 53 -2.03 19.74 12.65
N SER B 54 -3.13 19.76 11.89
CA SER B 54 -4.37 19.16 12.35
C SER B 54 -4.32 17.65 12.15
N ARG B 55 -4.74 16.91 13.18
CA ARG B 55 -4.80 15.45 13.12
C ARG B 55 -6.13 15.00 12.53
N ALA B 56 -6.09 13.92 11.77
CA ALA B 56 -7.32 13.33 11.24
C ALA B 56 -8.00 12.49 12.32
N SER B 57 -9.27 12.17 12.07
CA SER B 57 -10.06 11.43 13.05
C SER B 57 -9.37 10.12 13.41
N GLY B 58 -9.35 9.80 14.69
CA GLY B 58 -8.81 8.54 15.16
C GLY B 58 -7.31 8.45 15.17
N VAL B 59 -6.59 9.54 14.90
CA VAL B 59 -5.13 9.52 14.88
C VAL B 59 -4.61 9.79 16.28
N PRO B 60 -3.68 9.00 16.81
CA PRO B 60 -3.19 9.24 18.17
C PRO B 60 -2.45 10.55 18.28
N ASP B 61 -2.43 11.10 19.50
CA ASP B 61 -1.76 12.37 19.73
C ASP B 61 -0.26 12.27 19.50
N ARG B 62 0.32 11.07 19.61
CA ARG B 62 1.75 10.91 19.42
C ARG B 62 2.19 11.25 17.99
N PHE B 63 1.25 11.30 17.05
CA PHE B 63 1.52 11.80 15.71
C PHE B 63 1.22 13.29 15.69
N SER B 64 2.21 14.10 15.29
CA SER B 64 2.05 15.54 15.23
C SER B 64 2.82 16.07 14.04
N GLY B 65 2.32 17.16 13.46
CA GLY B 65 2.95 17.78 12.32
C GLY B 65 3.20 19.25 12.57
N SER B 66 4.24 19.77 11.91
CA SER B 66 4.60 21.17 12.02
C SER B 66 5.15 21.63 10.67
N ARG B 67 5.43 22.92 10.57
CA ARG B 67 6.01 23.48 9.36
C ARG B 67 6.81 24.72 9.71
N SER B 68 7.98 24.86 9.10
CA SER B 68 8.83 26.04 9.25
C SER B 68 9.23 26.47 7.83
N GLY B 69 8.44 27.36 7.24
CA GLY B 69 8.72 27.86 5.91
C GLY B 69 8.44 26.83 4.82
N ASN B 70 9.45 26.51 4.03
CA ASN B 70 9.32 25.57 2.92
C ASN B 70 9.68 24.13 3.31
N THR B 71 9.56 23.78 4.58
CA THR B 71 9.87 22.44 5.06
C THR B 71 8.91 22.07 6.17
N ALA B 72 8.13 21.01 5.96
CA ALA B 72 7.23 20.47 6.97
C ALA B 72 7.88 19.27 7.66
N THR B 73 7.35 18.92 8.82
CA THR B 73 7.93 17.86 9.64
C THR B 73 6.82 17.05 10.30
N LEU B 74 6.89 15.73 10.16
CA LEU B 74 6.03 14.81 10.89
C LEU B 74 6.85 14.24 12.05
N THR B 75 6.35 14.41 13.27
CA THR B 75 7.00 13.91 14.47
C THR B 75 6.15 12.81 15.08
N ILE B 76 6.79 11.69 15.40
CA ILE B 76 6.13 10.54 16.02
C ILE B 76 6.86 10.22 17.31
N SER B 77 6.15 10.33 18.43
CA SER B 77 6.70 10.06 19.74
C SER B 77 6.16 8.74 20.27
N SER B 78 6.81 8.23 21.33
CA SER B 78 6.47 6.93 21.91
C SER B 78 6.34 5.88 20.82
N LEU B 79 7.39 5.78 19.99
CA LEU B 79 7.37 4.88 18.85
C LEU B 79 7.08 3.45 19.29
N GLN B 80 6.43 2.70 18.41
CA GLN B 80 6.16 1.29 18.63
C GLN B 80 6.34 0.55 17.31
N ALA B 81 6.48 -0.77 17.40
CA ALA B 81 6.74 -1.58 16.21
C ALA B 81 5.73 -1.28 15.11
N GLU B 82 4.46 -1.14 15.47
CA GLU B 82 3.41 -0.92 14.48
C GLU B 82 3.60 0.35 13.67
N ASP B 83 4.48 1.26 14.11
CA ASP B 83 4.72 2.50 13.39
C ASP B 83 5.59 2.32 12.16
N GLU B 84 6.20 1.15 11.97
CA GLU B 84 7.06 0.94 10.82
C GLU B 84 6.22 0.91 9.55
N ALA B 85 6.48 1.86 8.66
CA ALA B 85 5.69 2.04 7.45
C ALA B 85 6.39 3.08 6.59
N ASP B 86 5.80 3.36 5.43
CA ASP B 86 6.22 4.47 4.58
C ASP B 86 5.31 5.66 4.82
N TYR B 87 5.92 6.85 4.94
CA TYR B 87 5.21 8.08 5.22
C TYR B 87 5.44 9.08 4.10
N PHE B 88 4.35 9.57 3.53
CA PHE B 88 4.40 10.53 2.43
C PHE B 88 3.77 11.84 2.87
N CYS B 89 4.40 12.94 2.49
CA CYS B 89 3.78 14.26 2.60
C CYS B 89 3.19 14.65 1.25
N ALA B 90 2.43 15.73 1.26
CA ALA B 90 1.78 16.21 0.05
C ALA B 90 1.30 17.63 0.27
N SER B 91 1.06 18.32 -0.84
CA SER B 91 0.60 19.70 -0.80
C SER B 91 0.10 20.08 -2.19
N ALA B 92 -0.69 21.15 -2.24
CA ALA B 92 -1.13 21.71 -3.50
C ALA B 92 -0.04 22.60 -4.08
N GLU B 93 0.06 22.60 -5.42
CA GLU B 93 1.08 23.37 -6.13
C GLU B 93 0.38 24.49 -6.89
N ASP B 94 0.22 25.63 -6.22
CA ASP B 94 -0.38 26.82 -6.84
C ASP B 94 -1.75 26.51 -7.44
N SER B 95 -2.44 25.52 -6.87
CA SER B 95 -3.74 25.11 -7.36
C SER B 95 -4.37 24.11 -6.41
N SER B 96 -5.49 24.50 -5.78
CA SER B 96 -6.17 23.62 -4.84
C SER B 96 -6.55 22.28 -5.45
N SER B 97 -6.48 22.14 -6.77
CA SER B 97 -6.84 20.90 -7.46
C SER B 97 -5.64 19.97 -7.62
N ASN B 98 -4.56 20.47 -8.20
CA ASN B 98 -3.39 19.63 -8.44
C ASN B 98 -2.58 19.45 -7.17
N ALA B 99 -2.00 18.27 -7.01
CA ALA B 99 -1.27 17.92 -5.80
C ALA B 99 -0.03 17.11 -6.15
N VAL B 100 1.02 17.31 -5.37
CA VAL B 100 2.27 16.57 -5.51
C VAL B 100 2.56 15.87 -4.20
N PHE B 101 3.19 14.69 -4.30
CA PHE B 101 3.58 13.89 -3.14
C PHE B 101 5.09 13.94 -2.97
N GLY B 102 5.54 13.50 -1.79
CA GLY B 102 6.96 13.38 -1.52
C GLY B 102 7.51 12.02 -1.89
N SER B 103 8.84 11.94 -1.88
CA SER B 103 9.52 10.70 -2.28
C SER B 103 9.24 9.54 -1.32
N GLY B 104 8.73 9.83 -0.13
CA GLY B 104 8.42 8.78 0.82
C GLY B 104 9.55 8.47 1.77
N THR B 105 9.21 8.21 3.04
CA THR B 105 10.20 7.90 4.08
C THR B 105 9.80 6.60 4.74
N THR B 106 10.71 5.63 4.73
CA THR B 106 10.52 4.37 5.43
C THR B 106 11.05 4.50 6.85
N LEU B 107 10.22 4.16 7.83
CA LEU B 107 10.59 4.26 9.23
C LEU B 107 10.99 2.89 9.75
N THR B 108 12.14 2.82 10.39
CA THR B 108 12.64 1.61 11.03
C THR B 108 12.66 1.84 12.54
N VAL B 109 11.90 1.03 13.27
CA VAL B 109 11.82 1.14 14.72
C VAL B 109 12.84 0.20 15.34
N LEU B 110 13.82 0.74 16.04
CA LEU B 110 14.92 -0.03 16.59
C LEU B 110 14.63 -0.44 18.03
N GLY B 111 15.42 -1.38 18.52
CA GLY B 111 15.27 -1.88 19.87
C GLY B 111 14.26 -2.99 20.05
N GLN B 112 13.71 -3.52 18.96
CA GLN B 112 12.69 -4.55 19.08
C GLN B 112 13.33 -5.89 19.46
N PRO B 113 12.60 -6.76 20.14
CA PRO B 113 13.18 -8.04 20.55
C PRO B 113 13.48 -8.93 19.35
N LYS B 114 14.56 -9.69 19.48
CA LYS B 114 14.95 -10.65 18.45
C LYS B 114 14.28 -11.99 18.71
N ALA B 115 14.14 -12.77 17.64
CA ALA B 115 13.47 -14.06 17.73
C ALA B 115 13.97 -14.94 16.59
N ALA B 116 14.15 -16.23 16.88
CA ALA B 116 14.66 -17.16 15.90
C ALA B 116 13.54 -17.65 14.98
N PRO B 117 13.86 -18.04 13.76
CA PRO B 117 12.81 -18.49 12.83
C PRO B 117 12.25 -19.85 13.21
N SER B 118 11.00 -20.05 12.87
CA SER B 118 10.33 -21.34 12.94
C SER B 118 10.13 -21.83 11.50
N VAL B 119 10.74 -22.96 11.16
CA VAL B 119 10.76 -23.47 9.80
C VAL B 119 9.88 -24.70 9.71
N THR B 120 9.11 -24.79 8.64
CA THR B 120 8.30 -25.96 8.32
C THR B 120 8.46 -26.24 6.83
N LEU B 121 8.92 -27.43 6.49
CA LEU B 121 9.13 -27.83 5.10
C LEU B 121 8.03 -28.80 4.70
N PHE B 122 7.25 -28.43 3.69
CA PHE B 122 6.19 -29.29 3.19
C PHE B 122 6.65 -30.01 1.93
N PRO B 123 6.48 -31.33 1.85
CA PRO B 123 6.76 -32.02 0.59
C PRO B 123 5.64 -31.76 -0.41
N PRO B 124 5.81 -32.14 -1.67
CA PRO B 124 4.71 -32.01 -2.62
C PRO B 124 3.49 -32.78 -2.15
N SER B 125 2.32 -32.18 -2.35
CA SER B 125 1.08 -32.84 -1.99
C SER B 125 0.73 -33.91 -3.02
N SER B 126 -0.12 -34.85 -2.62
CA SER B 126 -0.64 -35.83 -3.57
C SER B 126 -1.39 -35.14 -4.70
N GLU B 127 -2.20 -34.13 -4.36
CA GLU B 127 -2.95 -33.41 -5.39
C GLU B 127 -2.03 -32.86 -6.46
N GLU B 128 -0.87 -32.32 -6.07
CA GLU B 128 0.03 -31.73 -7.05
C GLU B 128 0.74 -32.80 -7.88
N LEU B 129 1.18 -33.88 -7.24
CA LEU B 129 1.80 -34.97 -7.99
C LEU B 129 0.85 -35.53 -9.04
N GLN B 130 -0.46 -35.42 -8.80
CA GLN B 130 -1.44 -35.89 -9.77
C GLN B 130 -1.48 -35.00 -11.01
N ALA B 131 -1.17 -33.71 -10.86
CA ALA B 131 -1.01 -32.81 -11.98
C ALA B 131 0.39 -32.86 -12.58
N ASN B 132 1.18 -33.86 -12.21
CA ASN B 132 2.53 -34.05 -12.74
C ASN B 132 3.43 -32.86 -12.41
N LYS B 133 3.27 -32.33 -11.20
CA LYS B 133 4.12 -31.26 -10.69
C LYS B 133 4.53 -31.60 -9.26
N ALA B 134 5.62 -30.98 -8.81
CA ALA B 134 6.15 -31.26 -7.47
C ALA B 134 6.86 -30.01 -6.97
N THR B 135 6.24 -29.32 -6.01
CA THR B 135 6.80 -28.11 -5.42
C THR B 135 7.05 -28.37 -3.93
N LEU B 136 8.26 -28.07 -3.47
CA LEU B 136 8.58 -28.09 -2.05
C LEU B 136 8.42 -26.68 -1.50
N VAL B 137 7.69 -26.56 -0.40
CA VAL B 137 7.36 -25.26 0.20
C VAL B 137 8.02 -25.18 1.55
N CYS B 138 8.88 -24.18 1.73
CA CYS B 138 9.58 -23.94 2.98
C CYS B 138 9.06 -22.63 3.56
N LEU B 139 8.30 -22.73 4.64
CA LEU B 139 7.69 -21.58 5.28
C LEU B 139 8.47 -21.21 6.54
N ILE B 140 8.72 -19.92 6.71
CA ILE B 140 9.59 -19.40 7.76
C ILE B 140 8.84 -18.26 8.44
N SER B 141 8.74 -18.30 9.77
CA SER B 141 7.91 -17.33 10.48
C SER B 141 8.52 -16.99 11.83
N ASP B 142 8.04 -15.88 12.39
CA ASP B 142 8.31 -15.51 13.79
C ASP B 142 9.79 -15.25 14.05
N PHE B 143 10.45 -14.56 13.12
CA PHE B 143 11.84 -14.18 13.32
C PHE B 143 12.00 -12.67 13.23
N TYR B 144 13.08 -12.18 13.86
CA TYR B 144 13.44 -10.77 13.85
C TYR B 144 14.92 -10.67 14.17
N PRO B 145 15.70 -9.85 13.44
CA PRO B 145 15.29 -8.97 12.35
C PRO B 145 14.87 -9.73 11.09
N GLY B 146 14.24 -9.02 10.15
CA GLY B 146 13.74 -9.64 8.94
C GLY B 146 14.82 -9.85 7.90
N ALA B 147 15.80 -10.70 8.23
CA ALA B 147 16.92 -10.97 7.33
C ALA B 147 17.31 -12.44 7.48
N VAL B 148 17.11 -13.23 6.43
CA VAL B 148 17.49 -14.63 6.41
C VAL B 148 18.05 -14.95 5.03
N THR B 149 18.90 -15.97 4.97
CA THR B 149 19.29 -16.62 3.73
C THR B 149 18.73 -18.03 3.72
N VAL B 150 18.31 -18.50 2.55
CA VAL B 150 17.73 -19.82 2.40
C VAL B 150 18.56 -20.58 1.36
N ALA B 151 18.94 -21.81 1.70
CA ALA B 151 19.67 -22.69 0.81
C ALA B 151 18.95 -24.03 0.75
N TRP B 152 18.84 -24.57 -0.46
CA TRP B 152 18.21 -25.86 -0.70
C TRP B 152 19.27 -26.90 -1.02
N LYS B 153 19.12 -28.09 -0.44
CA LYS B 153 20.02 -29.20 -0.67
C LYS B 153 19.23 -30.41 -1.16
N ALA B 154 19.82 -31.13 -2.11
CA ALA B 154 19.28 -32.40 -2.59
C ALA B 154 20.36 -33.46 -2.41
N ASP B 155 20.08 -34.45 -1.56
CA ASP B 155 21.06 -35.50 -1.23
C ASP B 155 22.37 -34.87 -0.77
N SER B 156 22.26 -33.96 0.20
CA SER B 156 23.42 -33.30 0.81
C SER B 156 24.22 -32.49 -0.20
N SER B 157 23.65 -32.20 -1.37
CA SER B 157 24.30 -31.39 -2.38
C SER B 157 23.45 -30.17 -2.72
N PRO B 158 24.06 -29.08 -3.16
CA PRO B 158 23.30 -27.85 -3.37
C PRO B 158 22.40 -27.95 -4.61
N VAL B 159 21.29 -27.23 -4.56
CA VAL B 159 20.35 -27.17 -5.67
C VAL B 159 20.81 -26.10 -6.64
N LYS B 160 20.88 -26.44 -7.92
CA LYS B 160 21.43 -25.57 -8.94
C LYS B 160 20.39 -24.67 -9.60
N ALA B 161 19.10 -24.95 -9.44
CA ALA B 161 18.07 -24.15 -10.07
C ALA B 161 16.71 -24.57 -9.54
N GLY B 162 15.69 -23.78 -9.86
CA GLY B 162 14.33 -24.07 -9.47
C GLY B 162 13.88 -23.45 -8.18
N VAL B 163 14.64 -22.50 -7.63
CA VAL B 163 14.32 -21.89 -6.34
C VAL B 163 13.75 -20.50 -6.56
N GLU B 164 12.74 -20.15 -5.75
CA GLU B 164 12.20 -18.79 -5.70
C GLU B 164 11.87 -18.48 -4.26
N THR B 165 12.34 -17.33 -3.77
CA THR B 165 12.23 -16.97 -2.36
C THR B 165 11.66 -15.57 -2.23
N THR B 166 10.70 -15.42 -1.33
CA THR B 166 10.10 -14.11 -1.08
C THR B 166 10.97 -13.30 -0.13
N THR B 167 10.84 -12.00 -0.22
CA THR B 167 11.50 -11.11 0.72
C THR B 167 10.74 -11.12 2.05
N PRO B 168 11.44 -11.13 3.18
CA PRO B 168 10.73 -11.16 4.47
C PRO B 168 9.70 -10.06 4.58
N SER B 169 8.51 -10.43 5.04
CA SER B 169 7.41 -9.50 5.24
C SER B 169 6.87 -9.67 6.66
N LYS B 170 6.33 -8.58 7.20
CA LYS B 170 5.93 -8.54 8.59
C LYS B 170 4.63 -9.31 8.81
N GLN B 171 4.56 -10.02 9.92
CA GLN B 171 3.35 -10.70 10.33
C GLN B 171 2.46 -9.75 11.14
N SER B 172 1.32 -10.26 11.59
CA SER B 172 0.42 -9.46 12.42
C SER B 172 0.97 -9.25 13.82
N ASN B 173 1.93 -10.06 14.25
CA ASN B 173 2.54 -9.92 15.57
C ASN B 173 3.81 -9.09 15.54
N ASN B 174 4.16 -8.51 14.39
CA ASN B 174 5.31 -7.65 14.14
C ASN B 174 6.59 -8.43 13.88
N LYS B 175 6.60 -9.75 14.07
CA LYS B 175 7.74 -10.54 13.62
C LYS B 175 7.68 -10.72 12.11
N TYR B 176 8.78 -11.21 11.54
CA TYR B 176 8.90 -11.38 10.10
C TYR B 176 8.70 -12.84 9.69
N ALA B 177 8.20 -13.02 8.48
CA ALA B 177 8.01 -14.34 7.89
C ALA B 177 8.49 -14.31 6.45
N ALA B 178 8.85 -15.48 5.94
CA ALA B 178 9.33 -15.60 4.57
C ALA B 178 9.05 -17.01 4.06
N SER B 179 9.07 -17.16 2.74
CA SER B 179 8.75 -18.43 2.10
C SER B 179 9.73 -18.71 0.99
N SER B 180 9.97 -19.99 0.74
CA SER B 180 10.86 -20.43 -0.32
C SER B 180 10.25 -21.64 -1.01
N TYR B 181 10.48 -21.73 -2.31
CA TYR B 181 9.90 -22.79 -3.13
C TYR B 181 10.99 -23.48 -3.94
N LEU B 182 10.89 -24.80 -4.07
CA LEU B 182 11.72 -25.58 -4.97
C LEU B 182 10.81 -26.33 -5.91
N SER B 183 10.81 -25.94 -7.19
CA SER B 183 9.95 -26.54 -8.20
C SER B 183 10.71 -27.68 -8.88
N LEU B 184 10.13 -28.88 -8.84
CA LEU B 184 10.74 -30.07 -9.41
C LEU B 184 9.71 -30.82 -10.24
N THR B 185 10.20 -31.79 -10.99
CA THR B 185 9.34 -32.74 -11.67
C THR B 185 9.06 -33.93 -10.75
N PRO B 186 7.92 -34.60 -10.91
CA PRO B 186 7.66 -35.78 -10.07
C PRO B 186 8.77 -36.81 -10.11
N GLU B 187 9.54 -36.86 -11.21
CA GLU B 187 10.62 -37.83 -11.29
C GLU B 187 11.78 -37.45 -10.38
N GLN B 188 12.23 -36.20 -10.46
CA GLN B 188 13.30 -35.75 -9.57
C GLN B 188 12.92 -35.96 -8.11
N TRP B 189 11.68 -35.61 -7.75
CA TRP B 189 11.24 -35.81 -6.37
C TRP B 189 11.42 -37.25 -5.93
N LYS B 190 11.15 -38.20 -6.82
CA LYS B 190 11.31 -39.62 -6.51
C LYS B 190 12.73 -40.12 -6.70
N SER B 191 13.53 -39.43 -7.54
CA SER B 191 14.90 -39.89 -7.79
C SER B 191 15.77 -39.73 -6.56
N HIS B 192 15.74 -38.56 -5.94
CA HIS B 192 16.65 -38.26 -4.84
C HIS B 192 16.17 -38.91 -3.54
N ARG B 193 17.07 -38.94 -2.55
CA ARG B 193 16.80 -39.58 -1.28
C ARG B 193 16.17 -38.66 -0.26
N SER B 194 16.48 -37.36 -0.31
CA SER B 194 15.88 -36.40 0.60
C SER B 194 16.20 -35.00 0.10
N TYR B 195 15.37 -34.05 0.50
CA TYR B 195 15.57 -32.64 0.22
C TYR B 195 15.55 -31.85 1.53
N SER B 196 16.37 -30.81 1.60
CA SER B 196 16.50 -30.01 2.80
C SER B 196 16.31 -28.54 2.48
N CYS B 197 15.67 -27.82 3.41
CA CYS B 197 15.58 -26.37 3.38
C CYS B 197 16.39 -25.83 4.57
N GLN B 198 17.43 -25.07 4.27
CA GLN B 198 18.32 -24.52 5.28
C GLN B 198 18.06 -23.03 5.44
N VAL B 199 17.79 -22.60 6.66
CA VAL B 199 17.43 -21.22 6.96
C VAL B 199 18.45 -20.69 7.97
N THR B 200 19.24 -19.71 7.54
CA THR B 200 20.27 -19.10 8.39
C THR B 200 19.76 -17.77 8.93
N HIS B 201 20.03 -17.51 10.20
CA HIS B 201 19.53 -16.32 10.86
C HIS B 201 20.26 -16.07 12.18
N GLU B 202 21.03 -14.99 12.24
CA GLU B 202 21.67 -14.53 13.48
C GLU B 202 22.46 -15.66 14.15
N GLY B 203 23.31 -16.33 13.37
CA GLY B 203 24.23 -17.30 13.89
C GLY B 203 23.72 -18.72 13.97
N SER B 204 22.43 -18.95 13.80
CA SER B 204 21.86 -20.29 13.76
C SER B 204 21.44 -20.64 12.33
N THR B 205 21.51 -21.93 12.01
CA THR B 205 21.05 -22.44 10.72
C THR B 205 20.10 -23.60 11.01
N VAL B 206 18.82 -23.39 10.73
CA VAL B 206 17.78 -24.40 10.95
C VAL B 206 17.53 -25.12 9.64
N GLU B 207 17.67 -26.44 9.65
CA GLU B 207 17.52 -27.27 8.46
C GLU B 207 16.37 -28.24 8.67
N LYS B 208 15.43 -28.25 7.72
CA LYS B 208 14.30 -29.17 7.74
C LYS B 208 14.36 -30.05 6.52
N THR B 209 14.09 -31.34 6.71
CA THR B 209 14.27 -32.35 5.67
C THR B 209 12.97 -33.08 5.39
N VAL B 210 12.80 -33.50 4.15
CA VAL B 210 11.69 -34.37 3.76
C VAL B 210 12.23 -35.41 2.79
N ALA B 211 11.57 -36.57 2.76
CA ALA B 211 11.95 -37.66 1.89
C ALA B 211 10.69 -38.35 1.40
N PRO B 212 10.64 -38.76 0.12
CA PRO B 212 9.43 -39.44 -0.37
C PRO B 212 9.17 -40.78 0.29
N THR B 213 10.16 -41.40 0.93
CA THR B 213 9.93 -42.67 1.59
C THR B 213 9.04 -42.51 2.82
N GLU B 214 9.09 -41.35 3.48
CA GLU B 214 8.20 -41.10 4.60
C GLU B 214 6.74 -40.99 4.14
N CYS B 215 6.52 -40.48 2.94
CA CYS B 215 5.17 -40.37 2.39
C CYS B 215 4.62 -41.75 2.01
#